data_1XD1
#
_entry.id   1XD1
#
_cell.length_a   52.7
_cell.length_b   69.0
_cell.length_c   132.3
_cell.angle_alpha   90.0
_cell.angle_beta   90.0
_cell.angle_gamma   90.0
#
_symmetry.space_group_name_H-M   'P 21 21 21'
#
loop_
_entity.id
_entity.type
_entity.pdbx_description
1 polymer Alpha-amylase
2 non-polymer 2-acetamido-2-deoxy-beta-D-glucopyranose
3 non-polymer 'ACARBOSE DERIVED HEXASACCHARIDE'
4 non-polymer 'CALCIUM ION'
5 non-polymer 'CHLORIDE ION'
6 water water
#
_entity_poly.entity_id   1
_entity_poly.type   'polypeptide(L)'
_entity_poly.pdbx_seq_one_letter_code
;(PCA)YSPNTQQGRTSIVHLFEWRWVDIALECERYLAPKGFGGVQVSPPNENVAIYNPFRPWWERYQPVSYKLCTRSGNE
DEFRNMVTRCNNVGVRIYVDAVINHMCGNAVSAGTSSTCGSYFNPGSRDFPAVPYSGWDFNDGKCKTGSGDIENYNDATQ
VRDCRLTGLLDLALEKDYVRSKIAEYMNHLIDIGVAGFRLDASKHMWPGDIKAILDKLHNLNSNWFPAGSKPFIYQEVID
LGGEPIKSSDYFGNGRVTEFKYGAKLGTVIRKWNGEKMSYLKNWGEGWGFVPSDRALVFVDNHDNQRGHGAGGASILTFW
DARLYKMAVGFMLAHPYGFTRVMSSYRWPRQFQNGNDVNDWVGPPNNNGVIKEVTINPDTTCGNDWVCEHRWRQIRNMVI
FRNVVDGQPFTNWYDNGSNQVAFGRGNRGFIVFNNDDWSFSLTLQTGLPAGTYCDVISGDKINGNCTGIKIYVSDDGKAH
FSISNSAEDPFIAIHAESKL
;
_entity_poly.pdbx_strand_id   A
#
loop_
_chem_comp.id
_chem_comp.type
_chem_comp.name
_chem_comp.formula
6SA saccharide 'ACARBOSE DERIVED HEXASACCHARIDE' 'C37 H63 N O28'
CA non-polymer 'CALCIUM ION' 'Ca 2'
CL non-polymer 'CHLORIDE ION' 'Cl -1'
NAG D-saccharide, beta linking 2-acetamido-2-deoxy-beta-D-glucopyranose 'C8 H15 N O6'
#
# COMPACT_ATOMS: atom_id res chain seq x y z
N PCA A 1 -6.82 17.46 4.45
CA PCA A 1 -6.94 16.27 3.62
CB PCA A 1 -6.52 16.69 2.25
CG PCA A 1 -6.18 18.09 2.36
CD PCA A 1 -6.36 18.59 3.72
OE PCA A 1 -6.16 19.74 4.20
C PCA A 1 -6.07 15.14 4.13
O PCA A 1 -6.01 14.07 3.54
N TYR A 2 -5.10 15.44 5.02
CA TYR A 2 -4.07 14.46 5.31
C TYR A 2 -4.71 13.31 6.08
N SER A 3 -6.02 13.44 6.30
CA SER A 3 -6.81 12.43 7.02
C SER A 3 -7.29 11.35 6.07
N PRO A 4 -7.16 10.09 6.49
CA PRO A 4 -7.56 8.92 5.71
C PRO A 4 -9.06 8.84 5.45
N ASN A 5 -9.85 9.50 6.30
CA ASN A 5 -11.31 9.47 6.16
C ASN A 5 -11.87 8.09 6.50
N THR A 6 -11.13 7.30 7.28
CA THR A 6 -11.61 5.97 7.68
C THR A 6 -12.56 6.19 8.85
N GLN A 7 -13.25 5.12 9.25
CA GLN A 7 -14.17 5.20 10.38
C GLN A 7 -13.31 5.25 11.63
N GLN A 8 -13.71 6.04 12.63
CA GLN A 8 -12.89 6.12 13.84
C GLN A 8 -12.69 4.70 14.36
N GLY A 9 -11.44 4.33 14.63
CA GLY A 9 -11.19 2.99 15.14
C GLY A 9 -10.54 2.04 14.14
N ARG A 10 -10.43 2.45 12.89
CA ARG A 10 -9.80 1.61 11.86
C ARG A 10 -8.59 2.38 11.38
N THR A 11 -7.43 1.74 11.50
CA THR A 11 -6.15 2.39 11.20
C THR A 11 -5.32 1.91 10.02
N SER A 12 -5.85 1.05 9.16
CA SER A 12 -5.07 0.55 8.03
C SER A 12 -5.86 0.37 6.75
N ILE A 13 -5.16 0.42 5.62
CA ILE A 13 -5.81 0.15 4.34
C ILE A 13 -5.03 -1.03 3.77
N VAL A 14 -5.68 -1.83 2.95
CA VAL A 14 -5.02 -2.98 2.34
C VAL A 14 -5.07 -2.77 0.84
N HIS A 15 -3.99 -3.12 0.15
CA HIS A 15 -3.95 -3.01 -1.29
C HIS A 15 -4.32 -4.37 -1.87
N LEU A 16 -5.55 -4.49 -2.39
CA LEU A 16 -6.00 -5.74 -2.99
C LEU A 16 -5.59 -5.67 -4.45
N PHE A 17 -4.31 -5.87 -4.66
CA PHE A 17 -3.68 -5.81 -5.98
C PHE A 17 -4.35 -6.63 -7.08
N GLU A 18 -4.91 -5.93 -8.06
CA GLU A 18 -5.54 -6.61 -9.20
C GLU A 18 -6.82 -7.38 -8.94
N TRP A 19 -7.43 -7.20 -7.77
CA TRP A 19 -8.67 -7.89 -7.48
C TRP A 19 -9.79 -7.35 -8.36
N ARG A 20 -10.84 -8.16 -8.52
CA ARG A 20 -12.00 -7.77 -9.31
C ARG A 20 -12.92 -7.03 -8.36
N TRP A 21 -13.72 -6.11 -8.89
CA TRP A 21 -14.63 -5.33 -8.07
C TRP A 21 -15.60 -6.20 -7.27
N VAL A 22 -16.23 -7.16 -7.92
CA VAL A 22 -17.18 -8.02 -7.24
C VAL A 22 -16.53 -8.78 -6.09
N ASP A 23 -15.24 -9.10 -6.22
CA ASP A 23 -14.54 -9.83 -5.16
C ASP A 23 -14.24 -8.92 -3.99
N ILE A 24 -13.87 -7.67 -4.27
CA ILE A 24 -13.58 -6.71 -3.22
C ILE A 24 -14.88 -6.42 -2.47
N ALA A 25 -15.97 -6.29 -3.21
CA ALA A 25 -17.27 -6.02 -2.60
C ALA A 25 -17.63 -7.11 -1.59
N LEU A 26 -17.43 -8.36 -1.99
CA LEU A 26 -17.73 -9.49 -1.11
C LEU A 26 -16.78 -9.43 0.08
N GLU A 27 -15.50 -9.24 -0.18
CA GLU A 27 -14.49 -9.17 0.87
C GLU A 27 -14.79 -8.06 1.90
N CYS A 28 -15.31 -6.93 1.45
CA CYS A 28 -15.63 -5.84 2.37
C CYS A 28 -16.61 -6.32 3.42
N GLU A 29 -17.64 -7.02 2.96
CA GLU A 29 -18.71 -7.53 3.81
C GLU A 29 -18.37 -8.75 4.67
N ARG A 30 -17.72 -9.75 4.09
CA ARG A 30 -17.41 -10.97 4.82
C ARG A 30 -16.11 -10.95 5.63
N TYR A 31 -15.23 -9.98 5.38
CA TYR A 31 -13.98 -10.00 6.11
C TYR A 31 -13.42 -8.65 6.56
N LEU A 32 -13.22 -7.74 5.61
CA LEU A 32 -12.65 -6.44 5.93
C LEU A 32 -13.34 -5.66 7.03
N ALA A 33 -14.67 -5.56 6.96
CA ALA A 33 -15.44 -4.84 7.97
C ALA A 33 -15.39 -5.57 9.32
N PRO A 34 -15.75 -6.86 9.36
CA PRO A 34 -15.74 -7.61 10.62
C PRO A 34 -14.37 -7.61 11.34
N LYS A 35 -13.29 -7.63 10.56
CA LYS A 35 -11.94 -7.65 11.12
C LYS A 35 -11.28 -6.29 11.35
N GLY A 36 -12.04 -5.21 11.19
CA GLY A 36 -11.50 -3.90 11.45
C GLY A 36 -10.58 -3.18 10.47
N PHE A 37 -10.60 -3.57 9.18
CA PHE A 37 -9.78 -2.88 8.20
C PHE A 37 -10.45 -1.57 7.83
N GLY A 38 -9.65 -0.52 7.68
CA GLY A 38 -10.20 0.79 7.36
C GLY A 38 -10.53 1.05 5.91
N GLY A 39 -9.80 0.43 4.99
CA GLY A 39 -10.08 0.66 3.58
C GLY A 39 -9.29 -0.19 2.61
N VAL A 40 -9.55 0.04 1.34
CA VAL A 40 -8.92 -0.71 0.26
C VAL A 40 -8.36 0.18 -0.83
N GLN A 41 -7.13 -0.09 -1.25
CA GLN A 41 -6.55 0.66 -2.37
C GLN A 41 -6.82 -0.27 -3.53
N VAL A 42 -7.49 0.23 -4.55
CA VAL A 42 -7.80 -0.59 -5.72
C VAL A 42 -6.88 -0.22 -6.87
N SER A 43 -6.65 -1.17 -7.76
CA SER A 43 -5.81 -0.92 -8.93
C SER A 43 -6.55 0.08 -9.81
N PRO A 44 -5.84 0.72 -10.76
CA PRO A 44 -6.46 1.72 -11.66
C PRO A 44 -7.82 1.24 -12.20
N PRO A 45 -8.89 2.02 -11.97
CA PRO A 45 -10.22 1.63 -12.44
C PRO A 45 -10.58 2.11 -13.85
N ASN A 46 -9.68 2.86 -14.47
CA ASN A 46 -9.90 3.40 -15.80
C ASN A 46 -9.32 2.53 -16.92
N GLU A 47 -9.97 2.57 -18.09
CA GLU A 47 -9.58 1.79 -19.26
C GLU A 47 -8.09 1.89 -19.65
N ASN A 48 -7.45 0.74 -19.79
CA ASN A 48 -6.04 0.68 -20.16
C ASN A 48 -5.80 -0.12 -21.45
N VAL A 49 -4.55 -0.14 -21.90
CA VAL A 49 -4.17 -0.86 -23.10
C VAL A 49 -4.11 -2.37 -22.84
N ALA A 50 -4.66 -3.16 -23.75
CA ALA A 50 -4.64 -4.61 -23.61
C ALA A 50 -3.37 -5.10 -24.32
N ILE A 51 -2.39 -5.49 -23.52
CA ILE A 51 -1.09 -5.97 -24.02
C ILE A 51 -1.03 -7.50 -24.01
N TYR A 52 -0.75 -8.08 -25.18
CA TYR A 52 -0.69 -9.53 -25.32
C TYR A 52 0.73 -10.06 -25.42
N ASN A 53 1.68 -9.14 -25.53
CA ASN A 53 3.07 -9.52 -25.61
C ASN A 53 3.91 -8.63 -24.70
N PRO A 54 4.21 -9.10 -23.47
CA PRO A 54 3.80 -10.40 -22.91
C PRO A 54 2.31 -10.47 -22.63
N PHE A 55 1.78 -11.67 -22.42
CA PHE A 55 0.36 -11.87 -22.17
C PHE A 55 -0.22 -11.19 -20.93
N ARG A 56 -0.96 -10.10 -21.16
CA ARG A 56 -1.62 -9.33 -20.11
C ARG A 56 -0.83 -9.15 -18.82
N PRO A 57 0.30 -8.40 -18.86
CA PRO A 57 1.12 -8.19 -17.67
C PRO A 57 0.41 -7.25 -16.69
N TRP A 58 0.77 -7.31 -15.41
CA TRP A 58 0.12 -6.43 -14.44
C TRP A 58 0.31 -4.95 -14.79
N TRP A 59 1.45 -4.59 -15.38
CA TRP A 59 1.71 -3.19 -15.69
C TRP A 59 0.98 -2.55 -16.88
N GLU A 60 0.12 -3.32 -17.55
CA GLU A 60 -0.64 -2.75 -18.67
C GLU A 60 -1.68 -1.79 -18.09
N ARG A 61 -1.98 -1.94 -16.80
CA ARG A 61 -2.96 -1.08 -16.12
C ARG A 61 -2.40 0.29 -15.77
N TYR A 62 -1.16 0.55 -16.14
CA TYR A 62 -0.55 1.84 -15.87
C TYR A 62 -0.30 2.58 -17.18
N GLN A 63 -1.04 2.15 -18.19
CA GLN A 63 -0.98 2.74 -19.52
C GLN A 63 -2.42 3.08 -19.91
N PRO A 64 -2.93 4.23 -19.43
CA PRO A 64 -4.30 4.70 -19.70
C PRO A 64 -4.62 4.91 -21.17
N VAL A 65 -5.87 4.64 -21.53
CA VAL A 65 -6.37 4.83 -22.88
C VAL A 65 -7.51 5.82 -22.78
N SER A 66 -8.21 5.82 -21.65
CA SER A 66 -9.32 6.75 -21.41
C SER A 66 -9.65 6.73 -19.93
N TYR A 67 -10.70 7.46 -19.54
CA TYR A 67 -11.13 7.50 -18.16
C TYR A 67 -12.44 6.76 -17.91
N LYS A 68 -12.79 5.86 -18.83
CA LYS A 68 -14.00 5.08 -18.68
C LYS A 68 -13.66 4.01 -17.63
N LEU A 69 -14.59 3.77 -16.71
CA LEU A 69 -14.37 2.77 -15.65
C LEU A 69 -14.64 1.40 -16.24
N CYS A 70 -13.68 0.92 -17.03
CA CYS A 70 -13.82 -0.34 -17.71
C CYS A 70 -12.49 -1.07 -17.86
N THR A 71 -12.29 -2.07 -17.00
CA THR A 71 -11.06 -2.84 -16.93
C THR A 71 -11.33 -4.32 -16.64
N ARG A 72 -10.27 -5.11 -16.56
CA ARG A 72 -10.39 -6.53 -16.27
C ARG A 72 -10.95 -6.77 -14.86
N SER A 73 -11.08 -5.72 -14.07
CA SER A 73 -11.62 -5.84 -12.73
C SER A 73 -13.14 -5.73 -12.76
N GLY A 74 -13.67 -5.13 -13.83
CA GLY A 74 -15.11 -4.98 -13.96
C GLY A 74 -15.50 -3.71 -14.70
N ASN A 75 -16.80 -3.45 -14.80
CA ASN A 75 -17.29 -2.27 -15.48
C ASN A 75 -17.72 -1.21 -14.47
N GLU A 76 -18.23 -0.08 -14.96
CA GLU A 76 -18.64 0.98 -14.06
C GLU A 76 -19.71 0.55 -13.07
N ASP A 77 -20.64 -0.28 -13.52
CA ASP A 77 -21.72 -0.76 -12.65
C ASP A 77 -21.13 -1.49 -11.46
N GLU A 78 -20.28 -2.46 -11.76
CA GLU A 78 -19.63 -3.27 -10.73
C GLU A 78 -18.75 -2.43 -9.78
N PHE A 79 -18.10 -1.41 -10.33
CA PHE A 79 -17.23 -0.54 -9.55
C PHE A 79 -18.08 0.26 -8.54
N ARG A 80 -19.13 0.88 -9.04
CA ARG A 80 -20.03 1.68 -8.21
C ARG A 80 -20.70 0.77 -7.18
N ASN A 81 -20.99 -0.45 -7.57
CA ASN A 81 -21.62 -1.41 -6.68
C ASN A 81 -20.67 -1.71 -5.52
N MET A 82 -19.40 -1.89 -5.86
CA MET A 82 -18.38 -2.18 -4.86
C MET A 82 -18.19 -1.03 -3.87
N VAL A 83 -18.14 0.20 -4.38
CA VAL A 83 -17.95 1.36 -3.52
C VAL A 83 -19.12 1.52 -2.54
N THR A 84 -20.34 1.34 -3.04
CA THR A 84 -21.53 1.45 -2.22
C THR A 84 -21.56 0.40 -1.11
N ARG A 85 -21.40 -0.86 -1.50
CA ARG A 85 -21.42 -1.95 -0.53
C ARG A 85 -20.32 -1.79 0.52
N CYS A 86 -19.10 -1.49 0.07
CA CYS A 86 -18.00 -1.30 1.01
C CYS A 86 -18.27 -0.14 1.97
N ASN A 87 -18.72 1.00 1.43
CA ASN A 87 -19.01 2.16 2.28
C ASN A 87 -20.11 1.86 3.30
N ASN A 88 -21.17 1.19 2.86
CA ASN A 88 -22.29 0.86 3.74
C ASN A 88 -21.86 -0.08 4.86
N VAL A 89 -20.59 -0.43 4.86
CA VAL A 89 -20.04 -1.35 5.85
C VAL A 89 -18.88 -0.68 6.61
N GLY A 90 -18.61 0.58 6.26
CA GLY A 90 -17.54 1.32 6.93
C GLY A 90 -16.14 1.15 6.37
N VAL A 91 -15.99 0.46 5.24
CA VAL A 91 -14.68 0.25 4.62
C VAL A 91 -14.51 1.17 3.40
N ARG A 92 -13.51 2.06 3.46
CA ARG A 92 -13.27 3.03 2.38
C ARG A 92 -12.56 2.49 1.16
N ILE A 93 -12.72 3.21 0.05
CA ILE A 93 -12.09 2.85 -1.20
C ILE A 93 -11.18 3.98 -1.66
N TYR A 94 -9.94 3.64 -1.96
CA TYR A 94 -8.93 4.59 -2.43
C TYR A 94 -8.52 4.17 -3.83
N VAL A 95 -8.57 5.11 -4.76
CA VAL A 95 -8.26 4.82 -6.14
C VAL A 95 -6.84 5.15 -6.56
N ASP A 96 -6.24 4.21 -7.28
CA ASP A 96 -4.89 4.37 -7.80
C ASP A 96 -5.08 5.27 -9.02
N ALA A 97 -4.74 6.55 -8.90
CA ALA A 97 -4.93 7.50 -10.00
C ALA A 97 -3.69 7.73 -10.88
N VAL A 98 -3.79 7.30 -12.14
CA VAL A 98 -2.71 7.44 -13.12
C VAL A 98 -3.05 8.64 -14.00
N ILE A 99 -2.66 9.82 -13.54
CA ILE A 99 -2.95 11.09 -14.21
C ILE A 99 -1.77 11.80 -14.86
N ASN A 100 -0.57 11.25 -14.69
CA ASN A 100 0.66 11.84 -15.23
C ASN A 100 0.84 11.55 -16.72
N HIS A 101 0.28 10.43 -17.18
CA HIS A 101 0.48 10.02 -18.56
C HIS A 101 -0.62 9.14 -19.11
N MET A 102 -0.45 8.77 -20.38
CA MET A 102 -1.33 7.86 -21.07
C MET A 102 -0.43 6.66 -21.37
N CYS A 103 -0.69 5.89 -22.43
CA CYS A 103 0.15 4.71 -22.70
C CYS A 103 1.53 4.99 -23.30
N GLY A 104 2.27 3.93 -23.59
CA GLY A 104 3.59 4.08 -24.18
C GLY A 104 3.52 4.62 -25.59
N ASN A 105 4.48 5.47 -25.95
CA ASN A 105 4.47 6.05 -27.29
C ASN A 105 4.73 5.01 -28.37
N ALA A 106 5.31 3.88 -27.99
CA ALA A 106 5.60 2.81 -28.94
C ALA A 106 4.40 1.89 -29.20
N VAL A 107 3.32 2.08 -28.44
CA VAL A 107 2.12 1.27 -28.58
C VAL A 107 1.41 1.56 -29.92
N SER A 108 0.87 0.52 -30.54
CA SER A 108 0.17 0.61 -31.82
C SER A 108 -1.26 1.15 -31.71
N ALA A 109 -1.64 1.97 -32.68
CA ALA A 109 -2.98 2.55 -32.71
C ALA A 109 -3.95 1.41 -32.95
N GLY A 110 -5.22 1.63 -32.66
CA GLY A 110 -6.22 0.60 -32.85
C GLY A 110 -7.16 0.58 -31.66
N THR A 111 -7.80 -0.55 -31.40
CA THR A 111 -8.73 -0.63 -30.28
C THR A 111 -8.40 -1.77 -29.31
N SER A 112 -7.11 -2.01 -29.12
CA SER A 112 -6.66 -3.05 -28.19
C SER A 112 -6.65 -2.43 -26.79
N SER A 113 -7.83 -2.04 -26.34
CA SER A 113 -8.03 -1.43 -25.04
C SER A 113 -9.06 -2.27 -24.29
N THR A 114 -9.02 -2.25 -22.97
CA THR A 114 -9.96 -3.04 -22.18
C THR A 114 -11.43 -2.68 -22.36
N CYS A 115 -11.71 -1.72 -23.23
CA CYS A 115 -13.09 -1.33 -23.46
C CYS A 115 -13.43 -1.01 -24.91
N GLY A 116 -12.51 -1.33 -25.82
CA GLY A 116 -12.76 -1.08 -27.22
C GLY A 116 -12.54 0.35 -27.66
N SER A 117 -12.20 1.24 -26.72
CA SER A 117 -11.94 2.63 -27.07
C SER A 117 -10.80 2.70 -28.05
N TYR A 118 -10.92 3.56 -29.05
CA TYR A 118 -9.88 3.71 -30.05
C TYR A 118 -8.81 4.69 -29.58
N PHE A 119 -7.56 4.36 -29.82
CA PHE A 119 -6.46 5.24 -29.44
C PHE A 119 -5.33 5.13 -30.46
N ASN A 120 -4.57 6.21 -30.59
CA ASN A 120 -3.46 6.25 -31.54
C ASN A 120 -2.27 6.95 -30.88
N PRO A 121 -1.39 6.17 -30.25
CA PRO A 121 -0.20 6.71 -29.58
C PRO A 121 0.69 7.59 -30.47
N GLY A 122 0.90 7.12 -31.70
CA GLY A 122 1.73 7.85 -32.65
C GLY A 122 1.29 9.25 -32.98
N SER A 123 0.00 9.44 -33.22
CA SER A 123 -0.50 10.77 -33.53
C SER A 123 -1.01 11.48 -32.29
N ARG A 124 -0.64 10.95 -31.11
CA ARG A 124 -1.05 11.53 -29.83
C ARG A 124 -2.56 11.67 -29.72
N ASP A 125 -3.30 10.77 -30.36
CA ASP A 125 -4.75 10.87 -30.32
C ASP A 125 -5.52 9.87 -29.45
N PHE A 126 -6.27 10.41 -28.49
CA PHE A 126 -7.09 9.61 -27.58
C PHE A 126 -8.46 10.28 -27.57
N PRO A 127 -9.27 10.04 -28.62
CA PRO A 127 -10.62 10.59 -28.82
C PRO A 127 -11.63 10.34 -27.71
N ALA A 128 -11.46 9.23 -27.00
CA ALA A 128 -12.38 8.88 -25.92
C ALA A 128 -12.31 9.78 -24.69
N VAL A 129 -11.30 10.64 -24.60
CA VAL A 129 -11.15 11.54 -23.45
C VAL A 129 -11.89 12.88 -23.62
N PRO A 130 -11.54 13.66 -24.66
CA PRO A 130 -10.52 13.39 -25.67
C PRO A 130 -9.21 14.14 -25.41
N TYR A 131 -8.14 13.68 -26.04
CA TYR A 131 -6.81 14.30 -25.94
C TYR A 131 -6.20 14.28 -27.34
N SER A 132 -5.32 15.23 -27.61
CA SER A 132 -4.64 15.28 -28.90
C SER A 132 -3.20 15.74 -28.68
N GLY A 133 -2.48 16.00 -29.77
CA GLY A 133 -1.10 16.42 -29.68
C GLY A 133 -0.89 17.66 -28.81
N TRP A 134 -1.91 18.50 -28.74
CA TRP A 134 -1.86 19.73 -27.95
C TRP A 134 -1.79 19.50 -26.44
N ASP A 135 -2.13 18.29 -26.01
CA ASP A 135 -2.15 17.98 -24.58
C ASP A 135 -0.95 17.22 -24.01
N PHE A 136 0.11 17.07 -24.79
CA PHE A 136 1.28 16.33 -24.31
C PHE A 136 2.50 17.24 -24.26
N ASN A 137 3.47 16.86 -23.45
CA ASN A 137 4.68 17.66 -23.28
C ASN A 137 5.79 17.42 -24.29
N ASP A 138 5.47 16.80 -25.42
CA ASP A 138 6.49 16.52 -26.43
C ASP A 138 7.36 17.73 -26.75
N GLY A 139 6.76 18.90 -26.95
CA GLY A 139 7.54 20.07 -27.26
C GLY A 139 8.27 20.64 -26.05
N LYS A 140 7.71 20.39 -24.87
CA LYS A 140 8.29 20.90 -23.64
C LYS A 140 9.58 20.20 -23.21
N CYS A 141 9.65 18.88 -23.39
CA CYS A 141 10.84 18.13 -22.99
C CYS A 141 12.05 18.51 -23.86
N LYS A 142 13.24 18.45 -23.28
CA LYS A 142 14.45 18.83 -24.01
C LYS A 142 15.53 17.77 -24.14
N THR A 143 15.24 16.53 -23.74
CA THR A 143 16.23 15.47 -23.86
C THR A 143 16.31 15.01 -25.31
N GLY A 144 17.47 14.48 -25.71
CA GLY A 144 17.63 14.02 -27.07
C GLY A 144 16.71 12.88 -27.46
N SER A 145 16.36 12.03 -26.48
CA SER A 145 15.50 10.89 -26.73
C SER A 145 14.05 11.16 -26.38
N GLY A 146 13.80 12.29 -25.74
CA GLY A 146 12.44 12.62 -25.37
C GLY A 146 12.02 11.94 -24.09
N ASP A 147 12.83 11.01 -23.60
CA ASP A 147 12.50 10.33 -22.35
C ASP A 147 13.33 10.93 -21.22
N ILE A 148 13.02 10.53 -20.01
CA ILE A 148 13.74 10.99 -18.83
C ILE A 148 15.09 10.26 -18.83
N GLU A 149 16.17 11.02 -19.05
CA GLU A 149 17.51 10.47 -19.11
C GLU A 149 18.33 10.70 -17.83
N ASN A 150 18.06 11.82 -17.15
CA ASN A 150 18.82 12.14 -15.96
C ASN A 150 17.93 12.61 -14.81
N TYR A 151 17.88 11.81 -13.75
CA TYR A 151 17.08 12.14 -12.58
C TYR A 151 17.65 13.25 -11.72
N ASN A 152 18.79 13.80 -12.13
CA ASN A 152 19.41 14.88 -11.38
C ASN A 152 19.02 16.24 -11.94
N ASP A 153 18.18 16.19 -12.98
CA ASP A 153 17.67 17.40 -13.60
C ASP A 153 16.16 17.38 -13.31
N ALA A 154 15.77 18.03 -12.22
CA ALA A 154 14.37 18.08 -11.79
C ALA A 154 13.39 18.55 -12.86
N THR A 155 13.90 19.15 -13.93
CA THR A 155 13.03 19.64 -15.00
C THR A 155 12.62 18.56 -16.00
N GLN A 156 13.55 17.70 -16.39
CA GLN A 156 13.23 16.65 -17.35
C GLN A 156 12.50 15.50 -16.65
N VAL A 157 12.62 15.43 -15.32
CA VAL A 157 11.93 14.38 -14.58
C VAL A 157 10.44 14.68 -14.66
N ARG A 158 10.11 15.96 -14.77
CA ARG A 158 8.71 16.40 -14.86
C ARG A 158 8.16 16.53 -16.30
N ASP A 159 8.94 17.10 -17.22
CA ASP A 159 8.46 17.30 -18.59
C ASP A 159 8.70 16.22 -19.64
N CYS A 160 9.59 15.27 -19.35
CA CYS A 160 9.87 14.19 -20.30
C CYS A 160 9.12 12.91 -19.95
N ARG A 161 9.20 11.92 -20.84
CA ARG A 161 8.51 10.64 -20.66
C ARG A 161 9.21 9.61 -19.80
N LEU A 162 8.49 9.14 -18.77
CA LEU A 162 9.02 8.10 -17.89
C LEU A 162 8.94 6.84 -18.75
N THR A 163 10.10 6.32 -19.14
CA THR A 163 10.18 5.13 -19.99
C THR A 163 9.14 5.14 -21.10
N GLY A 164 9.16 6.18 -21.92
CA GLY A 164 8.24 6.25 -23.05
C GLY A 164 6.77 6.59 -22.84
N LEU A 165 6.29 6.60 -21.60
CA LEU A 165 4.89 6.92 -21.36
C LEU A 165 4.57 8.34 -21.80
N LEU A 166 3.57 8.49 -22.69
CA LEU A 166 3.15 9.81 -23.18
C LEU A 166 2.83 10.73 -22.00
N ASP A 167 3.57 11.83 -21.92
CA ASP A 167 3.44 12.80 -20.83
C ASP A 167 2.38 13.89 -21.01
N LEU A 168 1.44 13.96 -20.07
CA LEU A 168 0.40 14.98 -20.15
C LEU A 168 0.89 16.35 -19.70
N ALA A 169 0.47 17.37 -20.45
CA ALA A 169 0.84 18.75 -20.16
C ALA A 169 -0.09 19.26 -19.07
N LEU A 170 0.25 18.94 -17.82
CA LEU A 170 -0.55 19.32 -16.65
C LEU A 170 -0.61 20.80 -16.29
N GLU A 171 0.05 21.65 -17.07
CA GLU A 171 -0.03 23.08 -16.78
C GLU A 171 -1.20 23.70 -17.56
N LYS A 172 -1.74 22.94 -18.51
CA LYS A 172 -2.87 23.42 -19.31
C LYS A 172 -4.18 23.21 -18.54
N ASP A 173 -5.01 24.25 -18.47
CA ASP A 173 -6.26 24.11 -17.74
C ASP A 173 -7.13 23.01 -18.33
N TYR A 174 -7.15 22.90 -19.66
CA TYR A 174 -7.96 21.88 -20.28
C TYR A 174 -7.62 20.49 -19.75
N VAL A 175 -6.34 20.17 -19.71
CA VAL A 175 -5.89 18.87 -19.23
C VAL A 175 -6.22 18.69 -17.74
N ARG A 176 -6.04 19.75 -16.96
CA ARG A 176 -6.33 19.70 -15.53
C ARG A 176 -7.80 19.41 -15.28
N SER A 177 -8.63 19.99 -16.13
CA SER A 177 -10.07 19.83 -16.03
C SER A 177 -10.53 18.42 -16.40
N LYS A 178 -9.92 17.83 -17.42
CA LYS A 178 -10.32 16.47 -17.81
C LYS A 178 -9.89 15.47 -16.75
N ILE A 179 -8.82 15.79 -16.01
CA ILE A 179 -8.34 14.92 -14.95
C ILE A 179 -9.25 15.08 -13.72
N ALA A 180 -9.62 16.32 -13.41
CA ALA A 180 -10.49 16.58 -12.27
C ALA A 180 -11.88 16.01 -12.54
N GLU A 181 -12.32 16.07 -13.80
CA GLU A 181 -13.63 15.53 -14.17
C GLU A 181 -13.63 14.04 -13.83
N TYR A 182 -12.53 13.38 -14.15
CA TYR A 182 -12.36 11.96 -13.89
C TYR A 182 -12.40 11.68 -12.39
N MET A 183 -11.62 12.43 -11.63
CA MET A 183 -11.57 12.25 -10.18
C MET A 183 -12.86 12.63 -9.44
N ASN A 184 -13.51 13.72 -9.84
CA ASN A 184 -14.76 14.11 -9.19
C ASN A 184 -15.85 13.07 -9.47
N HIS A 185 -15.81 12.47 -10.65
CA HIS A 185 -16.75 11.43 -11.02
C HIS A 185 -16.60 10.30 -9.98
N LEU A 186 -15.36 9.96 -9.65
CA LEU A 186 -15.06 8.92 -8.66
C LEU A 186 -15.45 9.34 -7.23
N ILE A 187 -15.15 10.58 -6.88
CA ILE A 187 -15.48 11.09 -5.56
C ILE A 187 -17.00 11.04 -5.38
N ASP A 188 -17.73 11.56 -6.36
CA ASP A 188 -19.18 11.56 -6.28
C ASP A 188 -19.76 10.15 -6.19
N ILE A 189 -19.02 9.16 -6.70
CA ILE A 189 -19.46 7.77 -6.63
C ILE A 189 -19.28 7.30 -5.19
N GLY A 190 -18.30 7.88 -4.51
CA GLY A 190 -18.08 7.52 -3.13
C GLY A 190 -16.66 7.18 -2.69
N VAL A 191 -15.67 7.25 -3.57
CA VAL A 191 -14.29 6.94 -3.19
C VAL A 191 -13.81 7.96 -2.14
N ALA A 192 -12.96 7.53 -1.20
CA ALA A 192 -12.48 8.39 -0.13
C ALA A 192 -11.13 9.06 -0.35
N GLY A 193 -10.44 8.70 -1.42
CA GLY A 193 -9.14 9.32 -1.66
C GLY A 193 -8.40 8.69 -2.81
N PHE A 194 -7.17 9.13 -3.04
CA PHE A 194 -6.37 8.63 -4.15
C PHE A 194 -4.88 8.47 -3.87
N ARG A 195 -4.28 7.56 -4.64
CA ARG A 195 -2.85 7.34 -4.63
C ARG A 195 -2.45 8.06 -5.92
N LEU A 196 -1.75 9.18 -5.81
CA LEU A 196 -1.35 9.87 -7.02
C LEU A 196 -0.10 9.19 -7.53
N ASP A 197 -0.28 8.43 -8.61
CA ASP A 197 0.80 7.69 -9.23
C ASP A 197 1.83 8.63 -9.89
N ALA A 198 3.10 8.28 -9.77
CA ALA A 198 4.20 9.04 -10.37
C ALA A 198 4.20 10.53 -10.02
N SER A 199 3.99 10.85 -8.74
CA SER A 199 3.95 12.25 -8.29
C SER A 199 5.28 12.97 -8.44
N LYS A 200 6.39 12.23 -8.49
CA LYS A 200 7.69 12.87 -8.65
C LYS A 200 7.80 13.47 -10.05
N HIS A 201 7.04 12.91 -10.99
CA HIS A 201 7.09 13.37 -12.38
C HIS A 201 6.11 14.49 -12.70
N MET A 202 5.50 15.04 -11.65
CA MET A 202 4.56 16.14 -11.81
C MET A 202 5.06 17.25 -10.91
N TRP A 203 4.83 18.49 -11.32
CA TRP A 203 5.26 19.60 -10.49
C TRP A 203 4.29 19.72 -9.33
N PRO A 204 4.81 20.00 -8.13
CA PRO A 204 3.95 20.13 -6.95
C PRO A 204 2.79 21.10 -7.24
N GLY A 205 3.09 22.17 -7.97
CA GLY A 205 2.09 23.17 -8.30
C GLY A 205 1.00 22.71 -9.25
N ASP A 206 1.33 21.82 -10.19
CA ASP A 206 0.33 21.34 -11.12
C ASP A 206 -0.61 20.40 -10.38
N ILE A 207 -0.07 19.63 -9.45
CA ILE A 207 -0.88 18.73 -8.64
C ILE A 207 -1.86 19.58 -7.83
N LYS A 208 -1.33 20.61 -7.17
CA LYS A 208 -2.15 21.50 -6.37
C LYS A 208 -3.28 22.12 -7.20
N ALA A 209 -2.98 22.47 -8.45
CA ALA A 209 -3.99 23.07 -9.34
C ALA A 209 -5.16 22.11 -9.57
N ILE A 210 -4.84 20.83 -9.70
CA ILE A 210 -5.88 19.82 -9.92
C ILE A 210 -6.69 19.58 -8.65
N LEU A 211 -6.00 19.47 -7.51
CA LEU A 211 -6.69 19.23 -6.25
C LEU A 211 -7.68 20.36 -5.92
N ASP A 212 -7.40 21.58 -6.39
CA ASP A 212 -8.29 22.72 -6.15
C ASP A 212 -9.62 22.54 -6.86
N LYS A 213 -9.64 21.69 -7.88
CA LYS A 213 -10.84 21.44 -8.65
C LYS A 213 -11.66 20.26 -8.13
N LEU A 214 -11.20 19.61 -7.06
CA LEU A 214 -11.90 18.45 -6.52
C LEU A 214 -13.04 18.74 -5.53
N HIS A 215 -14.11 17.95 -5.63
CA HIS A 215 -15.26 18.08 -4.74
C HIS A 215 -14.92 17.58 -3.35
N ASN A 216 -15.83 17.85 -2.40
CA ASN A 216 -15.69 17.32 -1.04
C ASN A 216 -16.40 15.97 -1.12
N LEU A 217 -15.99 15.06 -0.22
CA LEU A 217 -16.51 13.70 -0.25
C LEU A 217 -18.03 13.59 -0.23
N ASN A 218 -18.54 12.49 -0.79
CA ASN A 218 -19.98 12.25 -0.87
C ASN A 218 -20.67 12.42 0.47
N SER A 219 -21.51 13.46 0.58
CA SER A 219 -22.21 13.77 1.81
C SER A 219 -23.18 12.69 2.29
N ASN A 220 -23.44 11.69 1.47
CA ASN A 220 -24.31 10.61 1.87
C ASN A 220 -23.56 9.65 2.78
N TRP A 221 -22.23 9.73 2.76
CA TRP A 221 -21.42 8.86 3.61
C TRP A 221 -20.43 9.62 4.46
N PHE A 222 -20.06 10.82 4.05
CA PHE A 222 -19.07 11.55 4.83
C PHE A 222 -19.58 12.88 5.35
N PRO A 223 -19.06 13.32 6.49
CA PRO A 223 -19.49 14.61 7.04
C PRO A 223 -19.12 15.73 6.09
N ALA A 224 -19.97 16.76 6.04
CA ALA A 224 -19.77 17.90 5.17
C ALA A 224 -18.40 18.52 5.42
N GLY A 225 -17.73 18.93 4.36
CA GLY A 225 -16.42 19.55 4.51
C GLY A 225 -15.27 18.56 4.45
N SER A 226 -15.57 17.29 4.18
CA SER A 226 -14.53 16.28 4.09
C SER A 226 -13.79 16.41 2.77
N LYS A 227 -12.47 16.31 2.84
CA LYS A 227 -11.64 16.39 1.66
C LYS A 227 -11.05 15.03 1.37
N PRO A 228 -10.84 14.71 0.08
CA PRO A 228 -10.26 13.39 -0.23
C PRO A 228 -8.87 13.19 0.31
N PHE A 229 -8.61 11.98 0.78
CA PHE A 229 -7.31 11.61 1.30
C PHE A 229 -6.37 11.49 0.10
N ILE A 230 -5.23 12.17 0.16
CA ILE A 230 -4.27 12.15 -0.92
C ILE A 230 -2.89 11.68 -0.48
N TYR A 231 -2.40 10.59 -1.08
CA TYR A 231 -1.04 10.17 -0.77
C TYR A 231 -0.34 10.11 -2.13
N GLN A 232 0.79 10.81 -2.22
CA GLN A 232 1.55 10.90 -3.45
C GLN A 232 2.71 9.93 -3.48
N GLU A 233 2.82 9.17 -4.56
CA GLU A 233 3.91 8.21 -4.67
C GLU A 233 5.12 8.98 -5.14
N VAL A 234 6.06 9.16 -4.23
CA VAL A 234 7.31 9.85 -4.52
C VAL A 234 8.36 8.94 -3.89
N ILE A 235 9.24 8.40 -4.72
CA ILE A 235 10.29 7.52 -4.26
C ILE A 235 11.49 8.39 -3.92
N ASP A 236 11.63 8.72 -2.64
CA ASP A 236 12.70 9.57 -2.18
C ASP A 236 13.63 8.80 -1.27
N LEU A 237 14.70 8.26 -1.86
CA LEU A 237 15.69 7.52 -1.10
C LEU A 237 16.93 8.39 -0.95
N GLY A 238 16.73 9.71 -0.92
CA GLY A 238 17.84 10.63 -0.80
C GLY A 238 18.80 10.55 -1.98
N GLY A 239 19.49 11.67 -2.25
CA GLY A 239 20.44 11.70 -3.34
C GLY A 239 19.98 12.43 -4.58
N GLU A 240 18.67 12.61 -4.72
CA GLU A 240 18.14 13.30 -5.89
C GLU A 240 17.75 14.74 -5.60
N PRO A 241 17.64 15.56 -6.66
CA PRO A 241 17.27 16.97 -6.55
C PRO A 241 15.84 17.21 -6.05
N ILE A 242 14.95 16.26 -6.33
CA ILE A 242 13.55 16.35 -5.90
C ILE A 242 13.36 15.71 -4.52
N LYS A 243 12.74 16.45 -3.60
CA LYS A 243 12.52 15.96 -2.25
C LYS A 243 11.04 15.76 -2.00
N SER A 244 10.69 14.72 -1.26
CA SER A 244 9.28 14.47 -0.97
C SER A 244 8.66 15.60 -0.13
N SER A 245 9.49 16.37 0.55
CA SER A 245 8.97 17.46 1.36
C SER A 245 8.33 18.53 0.47
N ASP A 246 8.72 18.57 -0.80
CA ASP A 246 8.16 19.54 -1.74
C ASP A 246 6.67 19.27 -2.00
N TYR A 247 6.22 18.09 -1.61
CA TYR A 247 4.84 17.70 -1.85
C TYR A 247 3.92 17.72 -0.62
N PHE A 248 4.45 18.13 0.53
CA PHE A 248 3.66 18.17 1.76
C PHE A 248 2.43 19.07 1.69
N GLY A 249 2.45 20.06 0.81
CA GLY A 249 1.31 20.96 0.72
C GLY A 249 0.09 20.37 0.02
N ASN A 250 0.27 19.26 -0.68
CA ASN A 250 -0.83 18.60 -1.41
C ASN A 250 -1.41 17.43 -0.66
N GLY A 251 -0.63 16.85 0.25
CA GLY A 251 -1.08 15.71 1.01
C GLY A 251 0.08 14.85 1.48
N ARG A 252 -0.21 13.63 1.90
CA ARG A 252 0.82 12.71 2.38
C ARG A 252 1.71 12.19 1.25
N VAL A 253 2.77 11.50 1.62
CA VAL A 253 3.69 10.92 0.65
C VAL A 253 4.07 9.52 1.10
N THR A 254 4.32 8.66 0.13
CA THR A 254 4.74 7.29 0.39
C THR A 254 6.18 7.38 0.90
N GLU A 255 6.45 6.81 2.06
CA GLU A 255 7.80 6.85 2.61
C GLU A 255 8.50 5.54 2.22
N PHE A 256 9.19 5.56 1.08
CA PHE A 256 9.90 4.38 0.60
C PHE A 256 11.14 4.00 1.38
N LYS A 257 11.67 4.91 2.19
CA LYS A 257 12.86 4.56 2.98
C LYS A 257 12.44 3.64 4.11
N TYR A 258 11.15 3.65 4.41
CA TYR A 258 10.61 2.82 5.50
C TYR A 258 10.84 1.33 5.26
N GLY A 259 10.29 0.81 4.19
CA GLY A 259 10.45 -0.62 3.90
C GLY A 259 11.88 -1.02 3.60
N ALA A 260 12.61 -0.14 2.92
CA ALA A 260 13.99 -0.42 2.56
C ALA A 260 14.85 -0.61 3.81
N LYS A 261 14.77 0.34 4.74
CA LYS A 261 15.57 0.24 5.96
C LYS A 261 15.13 -0.89 6.87
N LEU A 262 13.83 -1.06 7.01
CA LEU A 262 13.31 -2.12 7.87
C LEU A 262 13.72 -3.45 7.29
N GLY A 263 13.79 -3.49 5.96
CA GLY A 263 14.18 -4.71 5.30
C GLY A 263 15.60 -5.09 5.65
N THR A 264 16.52 -4.14 5.59
CA THR A 264 17.92 -4.42 5.90
C THR A 264 18.15 -4.78 7.35
N VAL A 265 17.43 -4.11 8.24
CA VAL A 265 17.56 -4.37 9.67
C VAL A 265 17.11 -5.78 10.05
N ILE A 266 15.94 -6.19 9.57
CA ILE A 266 15.43 -7.52 9.89
C ILE A 266 16.22 -8.64 9.23
N ARG A 267 16.83 -8.36 8.08
CA ARG A 267 17.65 -9.34 7.38
C ARG A 267 19.04 -9.29 8.02
N LYS A 268 19.24 -8.29 8.87
CA LYS A 268 20.52 -8.10 9.55
C LYS A 268 21.67 -7.88 8.58
N TRP A 269 21.42 -7.13 7.51
CA TRP A 269 22.45 -6.84 6.54
C TRP A 269 23.40 -5.75 7.03
N ASN A 270 24.66 -5.90 6.64
CA ASN A 270 25.75 -5.01 6.99
C ASN A 270 25.69 -4.29 8.34
N GLY A 271 25.77 -5.09 9.40
CA GLY A 271 25.78 -4.55 10.74
C GLY A 271 24.47 -4.23 11.42
N GLU A 272 23.42 -4.00 10.64
CA GLU A 272 22.12 -3.67 11.22
C GLU A 272 21.61 -4.67 12.26
N LYS A 273 20.89 -4.14 13.24
CA LYS A 273 20.30 -4.96 14.29
C LYS A 273 19.06 -4.26 14.84
N MET A 274 18.09 -5.04 15.30
CA MET A 274 16.84 -4.50 15.82
C MET A 274 16.98 -3.52 16.99
N SER A 275 18.04 -3.67 17.79
CA SER A 275 18.23 -2.77 18.92
C SER A 275 18.31 -1.31 18.46
N TYR A 276 18.69 -1.11 17.20
CA TYR A 276 18.81 0.24 16.66
C TYR A 276 17.46 0.90 16.36
N LEU A 277 16.38 0.12 16.42
CA LEU A 277 15.06 0.65 16.13
C LEU A 277 14.39 1.44 17.26
N LYS A 278 15.11 1.67 18.36
CA LYS A 278 14.54 2.41 19.49
C LYS A 278 14.08 3.80 19.07
N ASN A 279 14.84 4.42 18.17
CA ASN A 279 14.51 5.76 17.71
C ASN A 279 14.02 5.73 16.27
N TRP A 280 13.32 4.65 15.92
CA TRP A 280 12.75 4.45 14.59
C TRP A 280 11.70 5.55 14.36
N GLY A 281 11.77 6.19 13.20
CA GLY A 281 10.82 7.25 12.90
C GLY A 281 11.55 8.39 12.23
N GLU A 282 11.20 9.64 12.56
CA GLU A 282 11.88 10.78 11.96
C GLU A 282 13.36 10.70 12.30
N GLY A 283 13.65 10.11 13.45
CA GLY A 283 15.03 9.94 13.89
C GLY A 283 15.88 9.24 12.85
N TRP A 284 15.24 8.48 11.96
CA TRP A 284 15.96 7.77 10.90
C TRP A 284 15.98 8.57 9.62
N GLY A 285 15.52 9.82 9.69
CA GLY A 285 15.51 10.66 8.51
C GLY A 285 14.26 10.51 7.67
N PHE A 286 13.20 9.94 8.23
CA PHE A 286 11.96 9.77 7.48
C PHE A 286 11.16 11.07 7.53
N VAL A 287 10.18 11.20 6.66
CA VAL A 287 9.35 12.39 6.65
C VAL A 287 8.52 12.42 7.95
N PRO A 288 7.94 13.59 8.28
CA PRO A 288 7.14 13.67 9.50
C PRO A 288 6.03 12.63 9.44
N SER A 289 5.79 11.99 10.58
CA SER A 289 4.77 10.96 10.68
C SER A 289 3.41 11.33 10.09
N ASP A 290 2.93 12.55 10.37
CA ASP A 290 1.63 12.99 9.87
C ASP A 290 1.57 13.25 8.35
N ARG A 291 2.66 12.95 7.64
CA ARG A 291 2.69 13.12 6.19
C ARG A 291 3.14 11.82 5.57
N ALA A 292 3.22 10.75 6.37
CA ALA A 292 3.69 9.47 5.89
C ALA A 292 2.67 8.35 5.68
N LEU A 293 2.78 7.68 4.55
CA LEU A 293 1.96 6.52 4.22
C LEU A 293 3.07 5.48 4.18
N VAL A 294 3.04 4.51 5.09
CA VAL A 294 4.08 3.48 5.16
C VAL A 294 3.63 2.07 4.77
N PHE A 295 4.60 1.22 4.46
CA PHE A 295 4.34 -0.16 4.07
C PHE A 295 5.66 -0.95 4.05
N VAL A 296 5.57 -2.27 4.07
CA VAL A 296 6.76 -3.11 4.03
C VAL A 296 7.20 -3.29 2.57
N ASP A 297 6.24 -3.62 1.71
CA ASP A 297 6.49 -3.81 0.29
C ASP A 297 5.29 -3.29 -0.50
N ASN A 298 5.47 -3.05 -1.79
CA ASN A 298 4.37 -2.59 -2.63
C ASN A 298 4.40 -3.42 -3.91
N HIS A 299 3.39 -3.28 -4.77
CA HIS A 299 3.35 -4.09 -6.00
C HIS A 299 4.63 -3.99 -6.84
N ASP A 300 5.29 -2.84 -6.83
CA ASP A 300 6.51 -2.67 -7.61
C ASP A 300 7.73 -3.36 -7.02
N ASN A 301 8.10 -3.00 -5.80
CA ASN A 301 9.29 -3.58 -5.20
C ASN A 301 9.17 -4.99 -4.67
N GLN A 302 7.99 -5.58 -4.71
CA GLN A 302 7.88 -6.95 -4.24
C GLN A 302 8.32 -7.84 -5.39
N ARG A 303 8.51 -7.24 -6.55
CA ARG A 303 8.96 -7.96 -7.74
C ARG A 303 10.11 -7.22 -8.43
N GLY A 304 11.14 -6.89 -7.64
CA GLY A 304 12.32 -6.20 -8.14
C GLY A 304 12.10 -5.05 -9.11
N HIS A 305 11.21 -4.12 -8.76
CA HIS A 305 10.91 -2.97 -9.60
C HIS A 305 11.13 -1.62 -8.91
N GLY A 306 10.24 -1.29 -7.97
CA GLY A 306 10.31 -0.03 -7.25
C GLY A 306 11.58 0.26 -6.47
N ALA A 307 11.41 0.78 -5.26
CA ALA A 307 12.55 1.11 -4.40
C ALA A 307 12.66 0.21 -3.18
N GLY A 308 13.89 0.05 -2.72
CA GLY A 308 14.17 -0.80 -1.57
C GLY A 308 15.22 -1.79 -2.01
N GLY A 309 15.17 -2.13 -3.29
CA GLY A 309 16.11 -3.06 -3.86
C GLY A 309 15.98 -4.49 -3.36
N ALA A 310 17.13 -5.09 -3.06
CA ALA A 310 17.19 -6.46 -2.60
C ALA A 310 16.87 -6.66 -1.12
N SER A 311 16.69 -5.57 -0.37
CA SER A 311 16.38 -5.70 1.05
C SER A 311 14.88 -5.89 1.34
N ILE A 312 14.04 -5.49 0.40
CA ILE A 312 12.59 -5.61 0.58
C ILE A 312 12.13 -7.03 0.93
N LEU A 313 11.22 -7.12 1.89
CA LEU A 313 10.65 -8.40 2.31
C LEU A 313 9.27 -8.53 1.71
N THR A 314 8.91 -9.75 1.30
CA THR A 314 7.60 -10.01 0.70
C THR A 314 7.07 -11.34 1.24
N PHE A 315 5.87 -11.73 0.79
CA PHE A 315 5.28 -12.97 1.26
C PHE A 315 6.21 -14.16 1.01
N TRP A 316 7.07 -14.06 -0.01
CA TRP A 316 8.00 -15.14 -0.30
C TRP A 316 8.86 -15.45 0.92
N ASP A 317 9.19 -14.41 1.69
CA ASP A 317 10.01 -14.54 2.90
C ASP A 317 9.11 -14.54 4.12
N ALA A 318 8.06 -15.36 4.05
CA ALA A 318 7.04 -15.44 5.09
C ALA A 318 7.42 -15.16 6.55
N ARG A 319 8.38 -15.88 7.10
CA ARG A 319 8.75 -15.68 8.50
C ARG A 319 9.23 -14.27 8.85
N LEU A 320 10.17 -13.75 8.06
CA LEU A 320 10.69 -12.40 8.32
C LEU A 320 9.67 -11.35 7.90
N TYR A 321 8.82 -11.70 6.94
CA TYR A 321 7.82 -10.78 6.45
C TYR A 321 6.78 -10.46 7.53
N LYS A 322 6.28 -11.49 8.20
CA LYS A 322 5.30 -11.31 9.26
C LYS A 322 5.86 -10.49 10.40
N MET A 323 7.15 -10.63 10.65
CA MET A 323 7.80 -9.89 11.72
C MET A 323 7.90 -8.39 11.39
N ALA A 324 8.22 -8.05 10.14
CA ALA A 324 8.33 -6.65 9.73
C ALA A 324 6.95 -5.98 9.73
N VAL A 325 5.95 -6.69 9.23
CA VAL A 325 4.59 -6.15 9.19
C VAL A 325 4.14 -5.97 10.64
N GLY A 326 4.54 -6.91 11.50
CA GLY A 326 4.18 -6.85 12.90
C GLY A 326 4.76 -5.62 13.57
N PHE A 327 6.05 -5.38 13.34
CA PHE A 327 6.72 -4.22 13.92
C PHE A 327 6.06 -2.93 13.40
N MET A 328 5.82 -2.88 12.10
CA MET A 328 5.20 -1.72 11.48
C MET A 328 3.83 -1.40 12.10
N LEU A 329 2.99 -2.43 12.22
CA LEU A 329 1.65 -2.23 12.77
C LEU A 329 1.63 -1.91 14.27
N ALA A 330 2.69 -2.27 14.98
CA ALA A 330 2.77 -1.99 16.42
C ALA A 330 3.34 -0.60 16.66
N HIS A 331 4.24 -0.17 15.80
CA HIS A 331 4.88 1.13 15.96
C HIS A 331 3.98 2.30 15.54
N PRO A 332 3.98 3.37 16.34
CA PRO A 332 3.19 4.59 16.11
C PRO A 332 3.46 5.42 14.85
N TYR A 333 4.59 5.23 14.19
CA TYR A 333 4.89 6.05 13.01
C TYR A 333 4.03 5.82 11.76
N GLY A 334 3.54 6.94 11.20
CA GLY A 334 2.75 6.93 9.98
C GLY A 334 1.43 6.20 9.88
N PHE A 335 0.82 6.25 8.70
CA PHE A 335 -0.44 5.55 8.42
C PHE A 335 -0.01 4.33 7.63
N THR A 336 -0.44 3.16 8.09
CA THR A 336 -0.02 1.90 7.49
C THR A 336 -0.86 1.27 6.38
N ARG A 337 -0.17 0.75 5.37
CA ARG A 337 -0.82 0.05 4.27
C ARG A 337 -0.32 -1.38 4.23
N VAL A 338 -1.27 -2.31 4.18
CA VAL A 338 -0.98 -3.73 4.14
C VAL A 338 -1.12 -4.17 2.69
N MET A 339 -0.20 -5.02 2.24
CA MET A 339 -0.20 -5.52 0.87
C MET A 339 -0.87 -6.90 0.79
N SER A 340 -1.57 -7.16 -0.29
CA SER A 340 -2.22 -8.45 -0.52
C SER A 340 -1.90 -8.79 -1.97
N SER A 341 -1.15 -9.88 -2.17
CA SER A 341 -0.71 -10.26 -3.50
C SER A 341 -1.19 -11.59 -4.04
N TYR A 342 -0.68 -11.93 -5.22
CA TYR A 342 -0.96 -13.19 -5.87
C TYR A 342 0.40 -13.82 -6.17
N ARG A 343 0.44 -15.14 -6.31
CA ARG A 343 1.68 -15.83 -6.60
C ARG A 343 1.90 -15.87 -8.10
N TRP A 344 3.16 -15.80 -8.50
CA TRP A 344 3.53 -15.87 -9.90
C TRP A 344 4.78 -16.75 -9.94
N PRO A 345 4.99 -17.49 -11.04
CA PRO A 345 6.15 -18.36 -11.14
C PRO A 345 7.47 -17.61 -11.27
N ARG A 346 8.01 -17.14 -10.14
CA ARG A 346 9.28 -16.43 -10.17
C ARG A 346 10.32 -17.33 -10.81
N GLN A 347 11.09 -16.79 -11.75
CA GLN A 347 12.12 -17.57 -12.40
C GLN A 347 13.41 -16.76 -12.45
N PHE A 348 14.18 -16.88 -11.38
CA PHE A 348 15.43 -16.16 -11.26
C PHE A 348 16.54 -16.67 -12.14
N GLN A 349 16.93 -15.87 -13.12
CA GLN A 349 18.01 -16.20 -14.04
C GLN A 349 19.05 -15.11 -13.93
N ASN A 350 20.25 -15.46 -13.48
CA ASN A 350 21.33 -14.50 -13.32
C ASN A 350 20.94 -13.54 -12.20
N GLY A 351 20.18 -14.05 -11.24
CA GLY A 351 19.75 -13.22 -10.12
C GLY A 351 18.60 -12.29 -10.41
N ASN A 352 17.92 -12.48 -11.53
CA ASN A 352 16.80 -11.62 -11.90
C ASN A 352 15.59 -12.43 -12.33
N ASP A 353 14.42 -12.04 -11.83
CA ASP A 353 13.18 -12.74 -12.16
C ASP A 353 12.64 -12.35 -13.53
N VAL A 354 12.73 -13.28 -14.47
CA VAL A 354 12.26 -13.06 -15.83
C VAL A 354 10.74 -13.12 -15.96
N ASN A 355 10.06 -13.49 -14.88
CA ASN A 355 8.59 -13.58 -14.86
C ASN A 355 7.93 -12.52 -13.99
N ASP A 356 8.59 -11.37 -13.81
CA ASP A 356 8.05 -10.31 -12.97
C ASP A 356 6.96 -9.48 -13.64
N TRP A 357 6.66 -9.78 -14.90
CA TRP A 357 5.63 -9.08 -15.65
C TRP A 357 4.29 -9.83 -15.53
N VAL A 358 4.36 -11.10 -15.13
CA VAL A 358 3.17 -11.94 -15.00
C VAL A 358 1.98 -11.26 -14.30
N GLY A 359 0.83 -11.31 -14.96
CA GLY A 359 -0.39 -10.72 -14.43
C GLY A 359 -1.07 -11.59 -13.37
N PRO A 360 -2.22 -11.13 -12.85
CA PRO A 360 -2.97 -11.88 -11.83
C PRO A 360 -3.49 -13.23 -12.33
N PRO A 361 -3.82 -14.14 -11.39
CA PRO A 361 -4.34 -15.48 -11.73
C PRO A 361 -5.47 -15.33 -12.75
N ASN A 362 -5.45 -16.14 -13.80
CA ASN A 362 -6.45 -16.02 -14.85
C ASN A 362 -6.63 -17.25 -15.72
N ASN A 363 -7.66 -17.18 -16.56
CA ASN A 363 -7.97 -18.22 -17.53
C ASN A 363 -8.19 -17.45 -18.82
N ASN A 364 -7.26 -17.59 -19.76
CA ASN A 364 -7.36 -16.89 -21.04
C ASN A 364 -7.45 -15.38 -20.83
N GLY A 365 -6.78 -14.88 -19.79
CA GLY A 365 -6.81 -13.45 -19.54
C GLY A 365 -7.94 -12.98 -18.64
N VAL A 366 -8.89 -13.85 -18.33
CA VAL A 366 -10.00 -13.48 -17.45
C VAL A 366 -9.56 -13.75 -16.02
N ILE A 367 -9.39 -12.68 -15.24
CA ILE A 367 -8.95 -12.82 -13.84
C ILE A 367 -9.79 -13.82 -13.05
N LYS A 368 -9.12 -14.68 -12.30
CA LYS A 368 -9.78 -15.70 -11.48
C LYS A 368 -10.45 -15.10 -10.25
N GLU A 369 -11.54 -15.71 -9.82
CA GLU A 369 -12.24 -15.21 -8.65
C GLU A 369 -11.46 -15.60 -7.39
N VAL A 370 -11.63 -14.83 -6.33
CA VAL A 370 -10.94 -15.12 -5.08
C VAL A 370 -11.78 -16.13 -4.33
N THR A 371 -11.23 -17.33 -4.12
CA THR A 371 -11.95 -18.37 -3.40
C THR A 371 -11.40 -18.51 -1.97
N ILE A 372 -12.30 -18.66 -1.01
CA ILE A 372 -11.90 -18.79 0.40
C ILE A 372 -11.89 -20.24 0.85
N ASN A 373 -10.73 -20.72 1.28
CA ASN A 373 -10.62 -22.10 1.75
C ASN A 373 -11.23 -22.18 3.15
N PRO A 374 -11.52 -23.41 3.61
CA PRO A 374 -12.11 -23.62 4.94
C PRO A 374 -11.30 -23.06 6.12
N ASP A 375 -10.01 -22.83 5.91
CA ASP A 375 -9.18 -22.29 6.99
C ASP A 375 -9.04 -20.78 6.89
N THR A 376 -9.81 -20.18 5.97
CA THR A 376 -9.86 -18.74 5.70
C THR A 376 -8.79 -18.26 4.72
N THR A 377 -7.87 -19.14 4.33
CA THR A 377 -6.85 -18.73 3.37
C THR A 377 -7.56 -18.59 2.01
N CYS A 378 -6.82 -18.24 0.96
CA CYS A 378 -7.43 -18.08 -0.37
C CYS A 378 -6.90 -19.07 -1.39
N GLY A 379 -7.70 -19.32 -2.42
CA GLY A 379 -7.31 -20.22 -3.49
C GLY A 379 -7.07 -19.44 -4.77
N ASN A 380 -6.85 -20.15 -5.87
CA ASN A 380 -6.60 -19.55 -7.18
C ASN A 380 -5.34 -18.70 -7.24
N ASP A 381 -4.40 -18.98 -6.35
CA ASP A 381 -3.11 -18.29 -6.29
C ASP A 381 -3.07 -16.93 -5.65
N TRP A 382 -4.14 -16.54 -4.97
CA TRP A 382 -4.15 -15.27 -4.28
C TRP A 382 -3.51 -15.56 -2.94
N VAL A 383 -2.45 -14.84 -2.61
CA VAL A 383 -1.74 -15.05 -1.34
C VAL A 383 -2.58 -14.59 -0.14
N CYS A 384 -3.35 -13.52 -0.31
CA CYS A 384 -4.18 -13.01 0.78
C CYS A 384 -3.46 -12.85 2.12
N GLU A 385 -2.33 -12.14 2.11
CA GLU A 385 -1.58 -11.91 3.36
C GLU A 385 -2.48 -11.29 4.43
N HIS A 386 -3.45 -10.49 4.03
CA HIS A 386 -4.34 -9.84 4.99
C HIS A 386 -5.19 -10.85 5.74
N ARG A 387 -5.18 -12.10 5.28
CA ARG A 387 -5.94 -13.13 5.95
C ARG A 387 -5.05 -14.00 6.86
N TRP A 388 -3.75 -13.76 6.86
CA TRP A 388 -2.85 -14.52 7.72
C TRP A 388 -3.11 -14.08 9.15
N ARG A 389 -3.35 -15.03 10.05
CA ARG A 389 -3.62 -14.71 11.45
C ARG A 389 -2.66 -13.68 12.04
N GLN A 390 -1.36 -13.91 11.85
CA GLN A 390 -0.35 -13.01 12.40
C GLN A 390 -0.48 -11.58 11.89
N ILE A 391 -0.91 -11.42 10.65
CA ILE A 391 -1.07 -10.10 10.08
C ILE A 391 -2.44 -9.53 10.43
N ARG A 392 -3.47 -10.35 10.26
CA ARG A 392 -4.82 -9.91 10.59
C ARG A 392 -4.91 -9.43 12.05
N ASN A 393 -4.30 -10.18 12.97
CA ASN A 393 -4.36 -9.78 14.36
C ASN A 393 -3.55 -8.54 14.70
N MET A 394 -2.53 -8.25 13.91
CA MET A 394 -1.73 -7.05 14.17
C MET A 394 -2.47 -5.84 13.61
N VAL A 395 -3.37 -6.08 12.67
CA VAL A 395 -4.18 -4.99 12.11
C VAL A 395 -5.13 -4.56 13.23
N ILE A 396 -5.66 -5.55 13.95
CA ILE A 396 -6.56 -5.29 15.06
C ILE A 396 -5.78 -4.68 16.23
N PHE A 397 -4.53 -5.13 16.42
CA PHE A 397 -3.66 -4.62 17.47
C PHE A 397 -3.45 -3.11 17.28
N ARG A 398 -3.27 -2.68 16.03
CA ARG A 398 -3.06 -1.25 15.78
C ARG A 398 -4.31 -0.44 16.14
N ASN A 399 -5.48 -0.99 15.84
CA ASN A 399 -6.73 -0.30 16.17
C ASN A 399 -6.89 -0.16 17.68
N VAL A 400 -6.62 -1.24 18.41
CA VAL A 400 -6.76 -1.25 19.86
C VAL A 400 -5.83 -0.28 20.58
N VAL A 401 -4.60 -0.12 20.08
CA VAL A 401 -3.63 0.77 20.71
C VAL A 401 -3.51 2.15 20.06
N ASP A 402 -4.40 2.46 19.12
CA ASP A 402 -4.37 3.73 18.43
C ASP A 402 -4.37 4.87 19.44
N GLY A 403 -3.39 5.77 19.31
CA GLY A 403 -3.30 6.90 20.22
C GLY A 403 -2.34 6.70 21.38
N GLN A 404 -2.14 5.45 21.80
CA GLN A 404 -1.24 5.16 22.91
C GLN A 404 0.21 5.51 22.59
N PRO A 405 0.94 6.06 23.57
CA PRO A 405 2.34 6.40 23.33
C PRO A 405 3.29 5.21 23.26
N PHE A 406 4.48 5.48 22.72
CA PHE A 406 5.53 4.49 22.60
C PHE A 406 6.23 4.48 23.96
N THR A 407 6.26 3.32 24.62
CA THR A 407 6.91 3.20 25.92
C THR A 407 7.44 1.80 26.22
N ASN A 408 8.02 1.68 27.42
CA ASN A 408 8.58 0.43 27.92
C ASN A 408 9.47 -0.34 26.95
N TRP A 409 10.37 0.37 26.26
CA TRP A 409 11.28 -0.25 25.32
C TRP A 409 12.35 -1.10 25.97
N TYR A 410 12.67 -2.22 25.34
CA TYR A 410 13.71 -3.11 25.83
C TYR A 410 14.51 -3.68 24.67
N ASP A 411 15.82 -3.80 24.86
CA ASP A 411 16.68 -4.39 23.85
C ASP A 411 17.87 -5.01 24.57
N ASN A 412 18.41 -6.10 24.01
CA ASN A 412 19.55 -6.79 24.58
C ASN A 412 20.83 -6.34 23.90
N GLY A 413 20.77 -5.24 23.17
CA GLY A 413 21.95 -4.74 22.49
C GLY A 413 22.18 -5.49 21.19
N SER A 414 21.35 -6.49 20.94
CA SER A 414 21.47 -7.28 19.73
C SER A 414 20.16 -7.23 18.93
N ASN A 415 19.48 -8.38 18.78
CA ASN A 415 18.22 -8.42 18.04
C ASN A 415 16.99 -8.87 18.80
N GLN A 416 17.00 -8.69 20.13
CA GLN A 416 15.84 -9.05 20.94
C GLN A 416 15.34 -7.76 21.58
N VAL A 417 14.18 -7.30 21.10
CA VAL A 417 13.60 -6.06 21.56
C VAL A 417 12.13 -6.23 21.93
N ALA A 418 11.60 -5.22 22.59
CA ALA A 418 10.21 -5.21 23.00
C ALA A 418 9.80 -3.80 23.37
N PHE A 419 8.51 -3.52 23.26
CA PHE A 419 8.01 -2.22 23.61
C PHE A 419 6.49 -2.31 23.70
N GLY A 420 5.89 -1.35 24.36
CA GLY A 420 4.44 -1.34 24.48
C GLY A 420 3.87 -0.06 23.92
N ARG A 421 2.55 -0.01 23.88
CA ARG A 421 1.82 1.15 23.41
C ARG A 421 0.94 1.51 24.59
N GLY A 422 1.41 2.46 25.39
CA GLY A 422 0.65 2.84 26.57
C GLY A 422 0.34 1.61 27.41
N ASN A 423 -0.87 1.53 27.93
CA ASN A 423 -1.28 0.40 28.74
C ASN A 423 -2.31 -0.39 27.96
N ARG A 424 -2.21 -0.36 26.64
CA ARG A 424 -3.17 -1.05 25.79
C ARG A 424 -2.56 -2.22 25.01
N GLY A 425 -1.24 -2.22 24.86
CA GLY A 425 -0.59 -3.30 24.12
C GLY A 425 0.90 -3.46 24.34
N PHE A 426 1.40 -4.67 24.11
CA PHE A 426 2.82 -4.95 24.28
C PHE A 426 3.28 -5.99 23.25
N ILE A 427 4.49 -5.80 22.73
CA ILE A 427 5.02 -6.72 21.72
C ILE A 427 6.51 -7.03 21.94
N VAL A 428 6.88 -8.29 21.70
CA VAL A 428 8.24 -8.76 21.91
C VAL A 428 8.79 -9.46 20.68
N PHE A 429 10.05 -9.18 20.36
CA PHE A 429 10.69 -9.79 19.21
C PHE A 429 11.99 -10.51 19.58
N ASN A 430 12.25 -11.63 18.93
CA ASN A 430 13.49 -12.37 19.10
C ASN A 430 14.03 -12.67 17.70
N ASN A 431 15.02 -11.89 17.27
CA ASN A 431 15.62 -12.07 15.96
C ASN A 431 17.09 -12.48 16.09
N ASP A 432 17.46 -12.96 17.27
CA ASP A 432 18.82 -13.42 17.52
C ASP A 432 18.84 -14.92 17.32
N ASP A 433 20.01 -15.50 17.11
CA ASP A 433 20.09 -16.93 16.90
C ASP A 433 20.10 -17.75 18.17
N TRP A 434 19.54 -17.20 19.24
CA TRP A 434 19.47 -17.92 20.50
C TRP A 434 18.15 -17.58 21.17
N SER A 435 17.72 -18.43 22.09
CA SER A 435 16.44 -18.21 22.75
C SER A 435 16.36 -16.99 23.64
N PHE A 436 15.13 -16.53 23.83
CA PHE A 436 14.83 -15.39 24.67
C PHE A 436 13.92 -15.88 25.78
N SER A 437 14.26 -15.53 27.02
CA SER A 437 13.48 -15.94 28.17
C SER A 437 13.79 -14.93 29.25
N LEU A 438 12.84 -14.05 29.52
CA LEU A 438 13.05 -13.02 30.52
C LEU A 438 11.72 -12.45 30.99
N THR A 439 11.75 -11.75 32.11
CA THR A 439 10.56 -11.12 32.65
C THR A 439 10.69 -9.65 32.30
N LEU A 440 9.66 -9.08 31.68
CA LEU A 440 9.72 -7.67 31.30
C LEU A 440 8.56 -6.84 31.83
N GLN A 441 8.78 -5.53 31.88
CA GLN A 441 7.77 -4.59 32.32
C GLN A 441 6.91 -4.30 31.10
N THR A 442 5.64 -4.68 31.15
CA THR A 442 4.73 -4.50 30.02
C THR A 442 3.89 -3.24 30.05
N GLY A 443 3.53 -2.78 31.24
CA GLY A 443 2.70 -1.59 31.34
C GLY A 443 1.22 -1.92 31.17
N LEU A 444 0.89 -3.20 31.15
CA LEU A 444 -0.49 -3.63 31.00
C LEU A 444 -1.08 -3.99 32.35
N PRO A 445 -2.42 -3.91 32.46
CA PRO A 445 -3.06 -4.26 33.75
C PRO A 445 -2.98 -5.77 33.97
N ALA A 446 -2.91 -6.16 35.23
CA ALA A 446 -2.83 -7.58 35.62
C ALA A 446 -3.82 -8.46 34.86
N GLY A 447 -3.48 -9.73 34.68
CA GLY A 447 -4.38 -10.64 33.99
C GLY A 447 -3.72 -11.65 33.07
N THR A 448 -4.54 -12.49 32.45
CA THR A 448 -4.05 -13.50 31.52
C THR A 448 -4.40 -13.04 30.10
N TYR A 449 -3.39 -12.94 29.25
CA TYR A 449 -3.57 -12.50 27.88
C TYR A 449 -3.22 -13.54 26.83
N CYS A 450 -3.97 -13.52 25.75
CA CYS A 450 -3.73 -14.43 24.64
C CYS A 450 -2.68 -13.80 23.72
N ASP A 451 -1.70 -14.58 23.31
CA ASP A 451 -0.72 -14.06 22.37
C ASP A 451 -1.47 -14.12 21.03
N VAL A 452 -1.64 -12.98 20.38
CA VAL A 452 -2.38 -12.94 19.12
C VAL A 452 -1.63 -13.35 17.86
N ILE A 453 -0.36 -13.69 18.01
CA ILE A 453 0.44 -14.12 16.86
C ILE A 453 0.32 -15.64 16.71
N SER A 454 0.52 -16.36 17.81
CA SER A 454 0.43 -17.81 17.80
C SER A 454 -1.01 -18.29 17.85
N GLY A 455 -1.92 -17.47 18.34
CA GLY A 455 -3.30 -17.91 18.39
C GLY A 455 -4.34 -16.83 18.36
N ASP A 456 -5.51 -17.16 18.90
CA ASP A 456 -6.65 -16.26 18.94
C ASP A 456 -7.30 -16.37 20.31
N LYS A 457 -8.05 -15.34 20.67
CA LYS A 457 -8.76 -15.32 21.92
C LYS A 457 -10.13 -15.81 21.50
N ILE A 458 -10.42 -17.09 21.74
CA ILE A 458 -11.71 -17.61 21.35
C ILE A 458 -12.65 -17.63 22.54
N ASN A 459 -13.19 -16.45 22.86
CA ASN A 459 -14.12 -16.21 23.96
C ASN A 459 -14.03 -17.19 25.08
N GLY A 460 -13.32 -16.74 26.18
CA GLY A 460 -13.08 -17.54 27.34
C GLY A 460 -11.67 -18.12 27.41
N ASN A 461 -11.10 -18.45 26.26
CA ASN A 461 -9.75 -19.03 26.20
C ASN A 461 -8.95 -18.66 24.95
N CYS A 462 -7.68 -19.07 24.95
CA CYS A 462 -6.77 -18.81 23.84
C CYS A 462 -6.43 -20.11 23.12
N THR A 463 -6.11 -20.00 21.84
CA THR A 463 -5.75 -21.18 21.06
C THR A 463 -4.23 -21.28 20.94
N GLY A 464 -3.52 -20.29 21.47
CA GLY A 464 -2.07 -20.31 21.40
C GLY A 464 -1.44 -19.97 22.73
N ILE A 465 -0.24 -19.41 22.69
CA ILE A 465 0.46 -19.04 23.91
C ILE A 465 -0.36 -18.10 24.80
N LYS A 466 -0.18 -18.23 26.11
CA LYS A 466 -0.87 -17.39 27.07
C LYS A 466 0.19 -16.70 27.91
N ILE A 467 -0.02 -15.41 28.17
CA ILE A 467 0.91 -14.61 28.96
C ILE A 467 0.20 -14.17 30.23
N TYR A 468 0.90 -14.25 31.36
CA TYR A 468 0.32 -13.84 32.64
C TYR A 468 1.01 -12.59 33.14
N VAL A 469 0.26 -11.50 33.26
CA VAL A 469 0.81 -10.23 33.72
C VAL A 469 0.49 -10.06 35.20
N SER A 470 1.49 -9.77 36.01
CA SER A 470 1.30 -9.59 37.45
C SER A 470 0.80 -8.19 37.80
N ASP A 471 0.62 -7.93 39.09
CA ASP A 471 0.14 -6.64 39.57
C ASP A 471 1.05 -5.46 39.28
N ASP A 472 2.35 -5.72 39.17
CA ASP A 472 3.28 -4.63 38.91
C ASP A 472 3.56 -4.48 37.41
N GLY A 473 2.76 -5.15 36.59
CA GLY A 473 2.91 -5.06 35.15
C GLY A 473 3.99 -5.90 34.51
N LYS A 474 4.70 -6.71 35.28
CA LYS A 474 5.74 -7.55 34.72
C LYS A 474 5.15 -8.86 34.23
N ALA A 475 5.81 -9.47 33.26
CA ALA A 475 5.35 -10.74 32.70
C ALA A 475 6.55 -11.47 32.10
N HIS A 476 6.51 -12.80 32.14
CA HIS A 476 7.59 -13.57 31.59
C HIS A 476 7.32 -13.94 30.13
N PHE A 477 8.33 -13.77 29.30
CA PHE A 477 8.20 -14.11 27.89
C PHE A 477 9.31 -15.07 27.52
N SER A 478 8.96 -16.07 26.72
CA SER A 478 9.93 -17.07 26.30
C SER A 478 9.73 -17.35 24.82
N ILE A 479 10.73 -17.01 24.01
CA ILE A 479 10.66 -17.23 22.57
C ILE A 479 11.92 -17.91 22.05
N SER A 480 11.76 -19.12 21.54
CA SER A 480 12.89 -19.87 21.00
C SER A 480 13.19 -19.30 19.62
N ASN A 481 14.45 -19.30 19.24
CA ASN A 481 14.82 -18.79 17.93
C ASN A 481 14.32 -19.79 16.88
N SER A 482 13.71 -20.87 17.35
CA SER A 482 13.16 -21.90 16.47
C SER A 482 11.66 -21.80 16.26
N ALA A 483 11.02 -20.86 16.96
CA ALA A 483 9.58 -20.65 16.85
C ALA A 483 9.19 -20.36 15.41
N GLU A 484 7.98 -20.75 15.02
CA GLU A 484 7.55 -20.47 13.65
C GLU A 484 7.52 -18.94 13.48
N ASP A 485 6.97 -18.25 14.48
CA ASP A 485 6.91 -16.78 14.49
C ASP A 485 7.68 -16.33 15.73
N PRO A 486 8.91 -15.85 15.55
CA PRO A 486 9.74 -15.40 16.68
C PRO A 486 9.31 -14.13 17.43
N PHE A 487 8.01 -13.91 17.57
CA PHE A 487 7.54 -12.73 18.29
C PHE A 487 6.15 -12.90 18.88
N ILE A 488 5.92 -12.25 20.03
CA ILE A 488 4.65 -12.32 20.76
C ILE A 488 4.02 -10.93 20.94
N ALA A 489 2.71 -10.84 20.74
CA ALA A 489 2.00 -9.58 20.91
C ALA A 489 0.68 -9.80 21.66
N ILE A 490 0.44 -8.98 22.67
CA ILE A 490 -0.77 -9.06 23.46
C ILE A 490 -1.35 -7.66 23.61
N HIS A 491 -2.67 -7.57 23.75
CA HIS A 491 -3.31 -6.27 23.89
C HIS A 491 -4.58 -6.31 24.75
N ALA A 492 -5.11 -5.14 25.07
CA ALA A 492 -6.31 -5.01 25.89
C ALA A 492 -7.47 -5.89 25.44
N GLU A 493 -7.66 -6.02 24.13
CA GLU A 493 -8.75 -6.84 23.63
C GLU A 493 -8.47 -8.34 23.58
N SER A 494 -7.25 -8.75 23.90
CA SER A 494 -6.96 -10.20 23.90
C SER A 494 -6.85 -10.70 25.34
N LYS A 495 -7.15 -9.81 26.29
CA LYS A 495 -7.10 -10.15 27.71
C LYS A 495 -8.25 -11.10 28.04
N LEU A 496 -7.94 -12.13 28.83
CA LEU A 496 -8.92 -13.12 29.22
C LEU A 496 -9.87 -12.59 30.28
C1 NAG B . -11.60 -22.78 28.49
C2 NAG B . -13.02 -22.65 28.77
C3 NAG B . -13.16 -23.49 30.00
C4 NAG B . -12.72 -24.94 29.77
C5 NAG B . -11.28 -24.97 29.18
C6 NAG B . -10.88 -26.35 28.67
C7 NAG B . -14.43 -20.67 28.54
C8 NAG B . -14.61 -19.24 29.00
N2 NAG B . -13.36 -21.24 29.10
O3 NAG B . -14.54 -23.44 30.45
O4 NAG B . -12.66 -25.61 31.02
O5 NAG B . -11.21 -24.05 28.08
O6 NAG B . -9.55 -26.32 28.13
O7 NAG B . -15.19 -21.22 27.76
CR1 6SA C . 14.52 5.21 -8.60
CR2 6SA C . 14.10 6.67 -8.90
CR3 6SA C . 12.52 6.56 -8.94
CR4 6SA C . 12.10 5.60 -10.10
CR5 6SA C . 12.69 4.19 -9.83
CR6 6SA C . 12.36 3.20 -10.97
OR1 6SA C . 13.84 4.83 -7.33
OR2 6SA C . 14.48 7.53 -7.84
OR3 6SA C . 11.97 7.85 -9.24
OR4 6SA C . 10.67 5.45 -10.16
OR5 6SA C . 14.10 4.31 -9.71
OR6 6SA C . 13.02 3.57 -12.15
CY1 6SA C . 9.99 5.76 -11.31
CY2 6SA C . 8.75 6.62 -10.97
CY3 6SA C . 7.72 5.82 -10.13
CY4 6SA C . 7.27 4.60 -10.95
CY5 6SA C . 8.54 3.72 -11.23
CY6 6SA C . 8.19 2.48 -12.06
OY2 6SA C . 9.21 7.77 -10.29
OY3 6SA C . 6.62 6.64 -9.85
NY4 6SA C . 6.24 3.77 -10.19
OY5 6SA C . 9.54 4.54 -11.98
CQ1 6SA C . 4.75 3.99 -10.51
CQ2 6SA C . 3.93 2.69 -10.33
OQ2 6SA C . 4.07 2.22 -9.03
CQ3 6SA C . 4.42 1.59 -11.36
OQ3 6SA C . 3.71 0.40 -11.20
CQ4 6SA C . 4.23 2.08 -12.83
OQ4 6SA C . 5.20 1.48 -13.69
CQ5 6SA C . 4.33 3.64 -13.01
CQ6 6SA C . 4.56 4.49 -11.96
CQ7 6SA C . 4.17 4.21 -14.39
OQ7 6SA C . 2.76 4.30 -14.63
CW1 6SA C . 15.64 0.39 -7.61
CW2 6SA C . 17.09 0.82 -7.62
CW3 6SA C . 17.32 1.79 -6.41
CW4 6SA C . 16.41 3.02 -6.70
CW5 6SA C . 14.93 2.48 -6.63
CW6 6SA C . 13.81 3.46 -6.95
OW2 6SA C . 17.88 -0.36 -7.52
OW3 6SA C . 18.66 2.19 -6.44
OW4 6SA C . 16.55 3.97 -5.67
OW5 6SA C . 14.74 1.48 -7.66
OW1 6SA C . 15.35 -0.48 -8.69
CP1 6SA C . 4.75 0.27 -14.22
CP2 6SA C . 5.89 -0.72 -14.49
CP3 6SA C . 6.74 -0.31 -15.68
CP4 6SA C . 5.83 -0.21 -16.93
CP5 6SA C . 4.77 0.90 -16.63
CP6 6SA C . 3.79 1.11 -17.79
OU2 6SA C . 6.67 -0.84 -13.32
OP3 6SA C . 7.75 -1.28 -15.88
OP4 6SA C . 6.60 0.17 -18.06
OP5 6SA C . 3.98 0.48 -15.46
OP6 6SA C . 3.20 -0.10 -18.20
CV1 6SA C . 6.46 -0.82 -19.11
CV2 6SA C . 7.81 -1.42 -19.58
CV3 6SA C . 8.67 -0.30 -20.22
CV4 6SA C . 7.91 0.24 -21.42
CV5 6SA C . 6.54 0.85 -20.91
CV6 6SA C . 5.71 1.40 -22.09
OV2 6SA C . 8.47 -1.97 -18.45
OV3 6SA C . 9.91 -0.86 -20.65
OV4 6SA C . 8.67 1.26 -22.04
OV5 6SA C . 5.78 -0.20 -20.27
OV6 6SA C . 6.39 2.43 -22.75
CA CA D . 5.33 14.37 -16.25
CL CL E . 2.87 3.10 -3.61
#